data_3M8U
#
_entry.id   3M8U
#
_cell.length_a   57.520
_cell.length_b   68.470
_cell.length_c   142.320
_cell.angle_alpha   90.00
_cell.angle_beta   90.00
_cell.angle_gamma   90.00
#
_symmetry.space_group_name_H-M   'P 21 21 21'
#
loop_
_entity.id
_entity.type
_entity.pdbx_description
1 polymer 'Heme-binding protein A'
2 non-polymer 'OXIDIZED GLUTATHIONE DISULFIDE'
3 non-polymer 'MALONATE ION'
4 water water
#
_entity_poly.entity_id   1
_entity_poly.type   'polypeptide(L)'
_entity_poly.pdbx_seq_one_letter_code
;MDKTFINCVSRSPTGFSPALVMDGISYNASSQQVYNRLVEFKRGSTDIEPALAESWTVSDDGLTYTFNLRKGVKFHSNKE
FTPSRDFNADDVVFSFQRQLDPNHPYHNVSKATYPYFKAMKFSTLLKSVEKVDMHTVKITLNRQDATFLASLGMDFISIY
SAEYADKMLAAGKPETIDTTPIGTGPFLFAGYQVDQKSRYLAHKEYWKGKADIDRLIFEIVPDATARYAKLQAGACDLID
FPNAADLEKMKTDPKVNLHSQSGLNIAYIAFNTEKAPFDNVKVRQALNYAVDKNAIIDAVYRGAGVAAKNPLPPTIWGYN
NEITGYEYSPEKAKQLLKEAGFENGFETDIWVQPVVRASNPNPRRMAELVQSDWEKVGVKSKLVSYEWGDYIKRTKAGEL
TAGTYGWSGDNGDPDNFLSPLFGSENVGNSNYARFKNPELDALLHKAVGLSDKAERAKIYEQAQVLLKEQAPWINVAHSI
NFAPTSKRVQDYKQSPFGYTYLYGTKLADKLAAALEHHHHHH
;
_entity_poly.pdbx_strand_id   A
#
loop_
_chem_comp.id
_chem_comp.type
_chem_comp.name
_chem_comp.formula
GDS non-polymer 'OXIDIZED GLUTATHIONE DISULFIDE' 'C20 H32 N6 O12 S2'
MLI non-polymer 'MALONATE ION' 'C3 H2 O4 -2'
#
# COMPACT_ATOMS: atom_id res chain seq x y z
N ASP A 2 -12.18 29.68 -4.00
CA ASP A 2 -12.30 29.97 -2.57
C ASP A 2 -11.16 29.31 -1.79
N LYS A 3 -11.49 28.30 -0.99
CA LYS A 3 -10.45 27.54 -0.28
C LYS A 3 -10.02 26.35 -1.11
N THR A 4 -8.97 26.56 -1.91
CA THR A 4 -8.46 25.53 -2.80
C THR A 4 -7.10 25.02 -2.32
N PHE A 5 -7.04 23.73 -1.98
CA PHE A 5 -5.80 23.09 -1.58
C PHE A 5 -5.12 22.55 -2.83
N ILE A 6 -3.86 22.92 -3.03
CA ILE A 6 -3.10 22.41 -4.17
C ILE A 6 -2.11 21.35 -3.67
N ASN A 7 -2.36 20.11 -4.08
CA ASN A 7 -1.50 18.99 -3.74
C ASN A 7 -0.62 18.69 -4.95
N CYS A 8 0.68 18.88 -4.82
CA CYS A 8 1.57 18.57 -5.94
C CYS A 8 2.10 17.16 -5.81
N VAL A 9 1.80 16.32 -6.79
CA VAL A 9 2.16 14.90 -6.76
C VAL A 9 3.12 14.58 -7.90
N SER A 10 3.90 13.52 -7.72
CA SER A 10 5.05 13.28 -8.61
C SER A 10 4.71 12.50 -9.89
N ARG A 11 3.58 11.80 -9.90
CA ARG A 11 3.20 11.02 -11.08
C ARG A 11 1.68 10.96 -11.28
N SER A 12 1.28 10.71 -12.52
CA SER A 12 -0.11 10.45 -12.87
C SER A 12 -0.53 9.12 -12.28
N PRO A 13 -1.79 9.02 -11.85
CA PRO A 13 -2.27 7.77 -11.25
C PRO A 13 -2.47 6.68 -12.30
N THR A 14 -2.22 5.44 -11.91
CA THR A 14 -2.46 4.31 -12.78
C THR A 14 -3.95 4.21 -13.12
N GLY A 15 -4.81 4.53 -12.17
CA GLY A 15 -6.25 4.52 -12.40
C GLY A 15 -7.03 5.10 -11.24
N PHE A 16 -8.34 5.24 -11.41
CA PHE A 16 -9.19 5.86 -10.38
C PHE A 16 -10.20 4.87 -9.78
N SER A 17 -9.94 3.57 -9.95
CA SER A 17 -10.82 2.53 -9.43
C SER A 17 -10.04 1.70 -8.42
N PRO A 18 -10.27 1.93 -7.11
CA PRO A 18 -9.39 1.30 -6.12
C PRO A 18 -9.43 -0.23 -6.10
N ALA A 19 -10.54 -0.83 -6.51
CA ALA A 19 -10.61 -2.30 -6.55
C ALA A 19 -9.67 -2.88 -7.62
N LEU A 20 -9.27 -2.06 -8.58
CA LEU A 20 -8.52 -2.55 -9.74
C LEU A 20 -7.02 -2.33 -9.63
N VAL A 21 -6.58 -1.53 -8.65
CA VAL A 21 -5.17 -1.20 -8.51
C VAL A 21 -4.68 -1.36 -7.09
N MET A 22 -3.38 -1.18 -6.91
CA MET A 22 -2.74 -1.50 -5.65
C MET A 22 -1.48 -0.66 -5.50
N ASP A 23 -1.62 0.65 -5.70
CA ASP A 23 -0.51 1.57 -5.46
C ASP A 23 -1.04 2.85 -4.83
N GLY A 24 -0.17 3.55 -4.11
CA GLY A 24 -0.56 4.70 -3.32
C GLY A 24 -0.92 5.97 -4.08
N ILE A 25 -0.31 6.19 -5.24
CA ILE A 25 -0.64 7.34 -6.07
CA ILE A 25 -0.66 7.36 -6.01
C ILE A 25 -2.09 7.23 -6.52
N SER A 26 -2.44 6.04 -7.00
CA SER A 26 -3.82 5.77 -7.44
C SER A 26 -4.79 5.90 -6.25
N TYR A 27 -4.48 5.28 -5.12
CA TYR A 27 -5.38 5.36 -3.97
C TYR A 27 -5.56 6.81 -3.54
N ASN A 28 -4.46 7.54 -3.39
CA ASN A 28 -4.51 8.94 -3.00
C ASN A 28 -5.45 9.73 -3.92
N ALA A 29 -5.41 9.42 -5.22
CA ALA A 29 -6.17 10.19 -6.21
C ALA A 29 -7.61 9.73 -6.35
N SER A 30 -7.98 8.67 -5.64
CA SER A 30 -9.34 8.13 -5.74
C SER A 30 -9.93 7.81 -4.38
N SER A 31 -9.72 6.59 -3.91
CA SER A 31 -10.35 6.10 -2.69
C SER A 31 -10.10 6.97 -1.43
N GLN A 32 -8.94 7.62 -1.35
CA GLN A 32 -8.65 8.45 -0.17
C GLN A 32 -9.51 9.70 -0.14
N GLN A 33 -9.95 10.14 -1.32
CA GLN A 33 -10.71 11.39 -1.44
C GLN A 33 -12.21 11.16 -1.64
N VAL A 34 -12.57 10.24 -2.51
CA VAL A 34 -13.96 10.16 -2.99
C VAL A 34 -14.76 8.94 -2.53
N TYR A 35 -14.12 7.95 -1.91
CA TYR A 35 -14.83 6.75 -1.47
C TYR A 35 -14.80 6.60 0.05
N ASN A 36 -15.78 5.89 0.59
CA ASN A 36 -15.75 5.45 1.99
C ASN A 36 -15.64 3.94 2.03
N ARG A 37 -15.20 3.42 3.17
CA ARG A 37 -15.26 1.98 3.47
C ARG A 37 -16.33 1.76 4.56
N LEU A 38 -16.64 0.50 4.87
CA LEU A 38 -17.57 0.18 5.95
C LEU A 38 -17.05 0.72 7.27
N VAL A 39 -15.76 0.53 7.51
CA VAL A 39 -15.11 1.08 8.70
C VAL A 39 -13.87 1.83 8.23
N GLU A 40 -13.42 2.83 8.98
CA GLU A 40 -12.26 3.61 8.57
C GLU A 40 -11.35 3.92 9.75
N PHE A 41 -10.10 4.28 9.46
CA PHE A 41 -9.16 4.61 10.52
C PHE A 41 -9.32 6.07 10.96
N LYS A 42 -9.24 6.31 12.27
CA LYS A 42 -9.16 7.68 12.78
C LYS A 42 -7.91 8.31 12.19
N ARG A 43 -7.96 9.60 11.86
CA ARG A 43 -6.81 10.29 11.27
C ARG A 43 -5.56 10.12 12.12
N GLY A 44 -4.42 9.89 11.47
CA GLY A 44 -3.14 9.75 12.15
C GLY A 44 -3.07 8.56 13.08
N SER A 45 -3.91 7.56 12.86
CA SER A 45 -4.06 6.47 13.83
C SER A 45 -4.35 5.13 13.16
N THR A 46 -4.03 4.02 13.83
CA THR A 46 -4.44 2.70 13.32
C THR A 46 -5.71 2.21 14.01
N ASP A 47 -6.30 3.05 14.86
CA ASP A 47 -7.57 2.71 15.49
C ASP A 47 -8.67 2.84 14.46
N ILE A 48 -9.63 1.92 14.49
CA ILE A 48 -10.76 1.97 13.58
C ILE A 48 -11.97 2.64 14.24
N GLU A 49 -12.87 3.14 13.40
CA GLU A 49 -14.13 3.70 13.86
C GLU A 49 -15.19 3.48 12.78
N PRO A 50 -16.47 3.61 13.16
CA PRO A 50 -17.56 3.43 12.20
C PRO A 50 -17.47 4.42 11.03
N ALA A 51 -17.88 3.95 9.85
CA ALA A 51 -17.99 4.79 8.66
C ALA A 51 -19.32 4.47 7.99
N LEU A 52 -19.30 3.80 6.84
CA LEU A 52 -20.55 3.41 6.19
C LEU A 52 -21.33 2.37 7.01
N ALA A 53 -20.62 1.55 7.78
CA ALA A 53 -21.27 0.75 8.81
C ALA A 53 -21.30 1.57 10.09
N GLU A 54 -22.50 1.88 10.58
CA GLU A 54 -22.65 2.69 11.78
C GLU A 54 -22.32 1.89 13.05
N SER A 55 -22.58 0.58 12.98
CA SER A 55 -22.21 -0.33 14.06
C SER A 55 -22.17 -1.74 13.51
N TRP A 56 -21.71 -2.69 14.33
CA TRP A 56 -21.59 -4.07 13.89
C TRP A 56 -21.52 -4.99 15.10
N THR A 57 -21.76 -6.27 14.85
CA THR A 57 -21.59 -7.29 15.87
C THR A 57 -20.78 -8.42 15.28
N VAL A 58 -20.11 -9.16 16.14
CA VAL A 58 -19.34 -10.31 15.72
C VAL A 58 -19.78 -11.49 16.56
N SER A 59 -20.03 -12.63 15.92
CA SER A 59 -20.49 -13.82 16.65
C SER A 59 -19.36 -14.32 17.56
N ASP A 60 -19.73 -15.11 18.56
CA ASP A 60 -18.75 -15.64 19.51
C ASP A 60 -17.68 -16.47 18.82
N ASP A 61 -18.02 -17.18 17.75
CA ASP A 61 -17.03 -18.03 17.10
C ASP A 61 -16.15 -17.23 16.12
N GLY A 62 -16.43 -15.94 16.00
CA GLY A 62 -15.63 -15.07 15.16
C GLY A 62 -15.86 -15.25 13.66
N LEU A 63 -16.92 -15.95 13.28
CA LEU A 63 -17.16 -16.27 11.88
C LEU A 63 -18.25 -15.43 11.21
N THR A 64 -19.09 -14.77 12.00
CA THR A 64 -20.21 -14.01 11.44
C THR A 64 -20.13 -12.53 11.85
N TYR A 65 -19.92 -11.66 10.86
CA TYR A 65 -19.89 -10.22 11.08
C TYR A 65 -21.15 -9.59 10.50
N THR A 66 -21.92 -8.90 11.33
CA THR A 66 -23.15 -8.29 10.86
C THR A 66 -23.02 -6.77 10.92
N PHE A 67 -23.22 -6.10 9.78
CA PHE A 67 -23.01 -4.66 9.70
C PHE A 67 -24.33 -3.91 9.57
N ASN A 68 -24.55 -2.99 10.50
CA ASN A 68 -25.70 -2.10 10.45
C ASN A 68 -25.29 -0.84 9.72
N LEU A 69 -25.87 -0.63 8.54
CA LEU A 69 -25.43 0.42 7.64
C LEU A 69 -26.05 1.76 7.97
N ARG A 70 -25.24 2.80 7.83
CA ARG A 70 -25.68 4.18 8.07
C ARG A 70 -26.78 4.60 7.10
N LYS A 71 -27.77 5.31 7.61
CA LYS A 71 -28.88 5.81 6.80
C LYS A 71 -28.63 7.27 6.41
N GLY A 72 -29.26 7.72 5.33
CA GLY A 72 -29.20 9.11 4.91
C GLY A 72 -27.93 9.49 4.17
N VAL A 73 -27.14 8.49 3.77
CA VAL A 73 -25.87 8.73 3.09
C VAL A 73 -26.05 8.97 1.59
N LYS A 74 -25.59 10.11 1.11
CA LYS A 74 -25.75 10.46 -0.31
C LYS A 74 -24.49 10.15 -1.12
N PHE A 75 -24.68 9.56 -2.31
CA PHE A 75 -23.62 9.44 -3.31
C PHE A 75 -23.48 10.76 -4.06
N HIS A 76 -22.32 10.94 -4.69
CA HIS A 76 -22.08 12.06 -5.59
C HIS A 76 -22.91 11.96 -6.87
N SER A 77 -22.92 13.05 -7.62
CA SER A 77 -23.46 13.08 -8.98
C SER A 77 -22.36 13.47 -9.96
N ASN A 78 -22.57 13.19 -11.24
CA ASN A 78 -21.76 13.76 -12.31
C ASN A 78 -22.64 13.93 -13.55
N LYS A 79 -22.08 14.37 -14.67
CA LYS A 79 -22.90 14.64 -15.83
C LYS A 79 -23.59 13.38 -16.38
N GLU A 80 -23.03 12.21 -16.05
CA GLU A 80 -23.54 10.92 -16.53
CA GLU A 80 -23.58 10.95 -16.55
C GLU A 80 -24.54 10.25 -15.57
N PHE A 81 -24.57 10.70 -14.32
CA PHE A 81 -25.34 10.00 -13.30
C PHE A 81 -25.76 10.88 -12.12
N THR A 82 -27.04 10.83 -11.75
CA THR A 82 -27.51 11.41 -10.50
C THR A 82 -28.24 10.31 -9.72
N PRO A 83 -27.79 10.03 -8.48
CA PRO A 83 -28.40 8.95 -7.72
C PRO A 83 -29.87 9.23 -7.39
N SER A 84 -30.69 8.19 -7.35
CA SER A 84 -32.11 8.34 -7.03
C SER A 84 -32.41 7.72 -5.67
N ARG A 85 -31.38 7.21 -5.00
CA ARG A 85 -31.56 6.65 -3.66
C ARG A 85 -30.28 6.80 -2.85
N ASP A 86 -30.42 6.75 -1.53
CA ASP A 86 -29.27 6.77 -0.62
C ASP A 86 -28.53 5.44 -0.62
N PHE A 87 -27.31 5.46 -0.10
CA PHE A 87 -26.51 4.27 0.10
C PHE A 87 -27.25 3.18 0.89
N ASN A 88 -27.16 1.94 0.41
CA ASN A 88 -27.77 0.83 1.11
C ASN A 88 -27.02 -0.49 0.87
N ALA A 89 -27.63 -1.60 1.28
CA ALA A 89 -26.96 -2.89 1.25
C ALA A 89 -26.57 -3.33 -0.17
N ASP A 90 -27.37 -2.95 -1.17
CA ASP A 90 -27.05 -3.33 -2.55
C ASP A 90 -25.68 -2.82 -2.98
N ASP A 91 -25.29 -1.64 -2.49
CA ASP A 91 -23.97 -1.08 -2.81
C ASP A 91 -22.83 -1.90 -2.20
N VAL A 92 -23.03 -2.37 -0.97
CA VAL A 92 -22.02 -3.19 -0.31
C VAL A 92 -21.91 -4.54 -1.02
N VAL A 93 -23.04 -5.16 -1.30
CA VAL A 93 -23.03 -6.46 -1.98
C VAL A 93 -22.34 -6.36 -3.33
N PHE A 94 -22.70 -5.34 -4.12
CA PHE A 94 -22.06 -5.11 -5.41
C PHE A 94 -20.54 -5.02 -5.25
N SER A 95 -20.09 -4.21 -4.31
CA SER A 95 -18.66 -3.94 -4.16
C SER A 95 -17.86 -5.21 -3.85
N PHE A 96 -18.43 -6.09 -3.04
CA PHE A 96 -17.76 -7.36 -2.75
C PHE A 96 -17.90 -8.34 -3.91
N GLN A 97 -19.11 -8.47 -4.44
CA GLN A 97 -19.40 -9.56 -5.39
C GLN A 97 -18.71 -9.34 -6.73
N ARG A 98 -18.52 -8.07 -7.12
CA ARG A 98 -17.81 -7.80 -8.35
C ARG A 98 -16.47 -8.51 -8.34
N GLN A 99 -15.77 -8.45 -7.20
CA GLN A 99 -14.45 -9.03 -7.08
C GLN A 99 -14.50 -10.54 -6.81
N LEU A 100 -15.48 -10.97 -6.01
CA LEU A 100 -15.54 -12.34 -5.52
C LEU A 100 -16.06 -13.32 -6.56
N ASP A 101 -17.03 -12.89 -7.37
CA ASP A 101 -17.75 -13.76 -8.29
C ASP A 101 -17.24 -13.55 -9.72
N PRO A 102 -16.58 -14.57 -10.30
CA PRO A 102 -16.01 -14.44 -11.65
C PRO A 102 -17.07 -14.20 -12.72
N ASN A 103 -18.31 -14.52 -12.39
CA ASN A 103 -19.43 -14.35 -13.31
C ASN A 103 -20.31 -13.15 -13.00
N HIS A 104 -19.91 -12.33 -12.03
CA HIS A 104 -20.59 -11.07 -11.79
C HIS A 104 -20.50 -10.23 -13.07
N PRO A 105 -21.58 -9.49 -13.41
CA PRO A 105 -21.59 -8.71 -14.65
C PRO A 105 -20.41 -7.74 -14.80
N TYR A 106 -19.87 -7.25 -13.69
CA TYR A 106 -18.77 -6.29 -13.72
C TYR A 106 -17.38 -6.92 -13.52
N HIS A 107 -17.32 -8.24 -13.35
CA HIS A 107 -16.04 -8.86 -12.99
C HIS A 107 -14.96 -8.54 -14.01
N ASN A 108 -15.31 -8.55 -15.29
CA ASN A 108 -14.31 -8.35 -16.34
C ASN A 108 -14.36 -6.98 -16.99
N VAL A 109 -15.17 -6.09 -16.43
CA VAL A 109 -15.20 -4.71 -16.90
C VAL A 109 -13.83 -4.07 -16.65
N SER A 110 -13.34 -3.30 -17.62
CA SER A 110 -12.02 -2.69 -17.55
C SER A 110 -10.91 -3.73 -17.42
N LYS A 111 -11.20 -4.98 -17.79
CA LYS A 111 -10.24 -6.08 -17.65
C LYS A 111 -9.65 -6.15 -16.24
N ALA A 112 -10.52 -5.93 -15.25
CA ALA A 112 -10.10 -5.86 -13.84
C ALA A 112 -9.46 -7.16 -13.37
N THR A 113 -8.47 -7.05 -12.49
CA THR A 113 -7.78 -8.21 -11.91
C THR A 113 -7.74 -8.25 -10.36
N TYR A 114 -8.30 -7.26 -9.70
CA TYR A 114 -8.49 -7.28 -8.23
C TYR A 114 -7.23 -7.72 -7.43
N PRO A 115 -6.10 -7.03 -7.66
CA PRO A 115 -4.83 -7.50 -7.09
C PRO A 115 -4.80 -7.56 -5.56
N TYR A 116 -5.37 -6.57 -4.87
CA TYR A 116 -5.31 -6.60 -3.41
C TYR A 116 -6.33 -7.57 -2.83
N PHE A 117 -7.49 -7.69 -3.47
CA PHE A 117 -8.50 -8.67 -3.06
C PHE A 117 -7.84 -10.06 -3.07
N LYS A 118 -6.97 -10.29 -4.05
CA LYS A 118 -6.27 -11.56 -4.15
C LYS A 118 -5.17 -11.72 -3.07
N ALA A 119 -4.36 -10.68 -2.89
CA ALA A 119 -3.28 -10.74 -1.91
C ALA A 119 -3.84 -10.90 -0.49
N MET A 120 -5.04 -10.37 -0.25
CA MET A 120 -5.67 -10.50 1.07
C MET A 120 -6.42 -11.82 1.22
N LYS A 121 -6.41 -12.63 0.15
CA LYS A 121 -7.03 -13.96 0.17
C LYS A 121 -8.52 -13.92 0.53
N PHE A 122 -9.20 -12.86 0.12
CA PHE A 122 -10.62 -12.75 0.41
C PHE A 122 -11.48 -13.80 -0.30
N SER A 123 -10.98 -14.38 -1.40
CA SER A 123 -11.75 -15.39 -2.11
C SER A 123 -11.90 -16.67 -1.30
N THR A 124 -10.89 -17.00 -0.52
CA THR A 124 -10.98 -18.18 0.34
C THR A 124 -11.48 -17.79 1.74
N LEU A 125 -11.31 -16.52 2.11
CA LEU A 125 -11.77 -16.07 3.43
C LEU A 125 -13.29 -15.99 3.48
N LEU A 126 -13.89 -15.42 2.45
CA LEU A 126 -15.32 -15.11 2.46
C LEU A 126 -16.18 -16.30 2.05
N LYS A 127 -17.00 -16.78 2.97
CA LYS A 127 -18.00 -17.80 2.64
C LYS A 127 -19.19 -17.15 1.93
N SER A 128 -19.66 -16.02 2.47
CA SER A 128 -20.79 -15.33 1.86
C SER A 128 -20.86 -13.87 2.29
N VAL A 129 -21.37 -13.05 1.38
CA VAL A 129 -21.68 -11.66 1.68
C VAL A 129 -23.11 -11.44 1.25
N GLU A 130 -23.99 -11.21 2.22
CA GLU A 130 -25.43 -11.28 1.96
C GLU A 130 -26.15 -10.04 2.44
N LYS A 131 -27.13 -9.59 1.66
CA LYS A 131 -28.02 -8.55 2.12
C LYS A 131 -29.05 -9.18 3.06
N VAL A 132 -29.10 -8.70 4.29
CA VAL A 132 -30.12 -9.14 5.24
C VAL A 132 -31.38 -8.30 5.03
N ASP A 133 -31.18 -6.99 5.01
CA ASP A 133 -32.21 -6.05 4.55
C ASP A 133 -31.52 -4.81 3.97
N MET A 134 -32.30 -3.77 3.71
CA MET A 134 -31.81 -2.57 3.04
CA MET A 134 -31.77 -2.60 3.02
C MET A 134 -30.63 -1.91 3.77
N HIS A 135 -30.59 -2.09 5.08
CA HIS A 135 -29.58 -1.43 5.91
C HIS A 135 -28.77 -2.40 6.76
N THR A 136 -28.65 -3.65 6.32
CA THR A 136 -27.95 -4.68 7.09
C THR A 136 -27.28 -5.68 6.18
N VAL A 137 -25.98 -5.91 6.39
CA VAL A 137 -25.23 -6.87 5.62
C VAL A 137 -24.57 -7.88 6.53
N LYS A 138 -24.68 -9.15 6.19
CA LYS A 138 -24.04 -10.21 6.96
CA LYS A 138 -24.05 -10.22 6.96
C LYS A 138 -22.92 -10.86 6.15
N ILE A 139 -21.72 -10.84 6.70
CA ILE A 139 -20.57 -11.49 6.08
C ILE A 139 -20.19 -12.70 6.93
N THR A 140 -20.13 -13.86 6.29
CA THR A 140 -19.70 -15.09 6.94
C THR A 140 -18.34 -15.52 6.43
N LEU A 141 -17.46 -15.90 7.35
CA LEU A 141 -16.09 -16.27 7.02
C LEU A 141 -15.94 -17.78 7.11
N ASN A 142 -15.00 -18.33 6.33
CA ASN A 142 -14.65 -19.74 6.39
C ASN A 142 -13.67 -20.04 7.51
N ARG A 143 -13.08 -18.99 8.07
CA ARG A 143 -12.08 -19.12 9.13
C ARG A 143 -11.97 -17.81 9.91
N GLN A 144 -11.46 -17.88 11.13
CA GLN A 144 -11.32 -16.68 11.96
C GLN A 144 -10.26 -15.75 11.38
N ASP A 145 -10.48 -14.46 11.57
CA ASP A 145 -9.57 -13.44 11.08
C ASP A 145 -9.65 -12.23 12.01
N ALA A 146 -8.71 -12.16 12.95
CA ALA A 146 -8.62 -11.06 13.90
C ALA A 146 -8.47 -9.71 13.20
N THR A 147 -7.98 -9.72 11.96
CA THR A 147 -7.71 -8.47 11.24
C THR A 147 -8.85 -8.05 10.31
N PHE A 148 -9.96 -8.78 10.31
CA PHE A 148 -11.00 -8.53 9.32
C PHE A 148 -11.57 -7.10 9.40
N LEU A 149 -11.91 -6.62 10.59
CA LEU A 149 -12.48 -5.27 10.70
C LEU A 149 -11.51 -4.21 10.17
N ALA A 150 -10.24 -4.30 10.58
CA ALA A 150 -9.25 -3.33 10.14
C ALA A 150 -9.04 -3.46 8.64
N SER A 151 -9.11 -4.68 8.12
CA SER A 151 -8.93 -4.90 6.69
C SER A 151 -10.05 -4.24 5.88
N LEU A 152 -11.24 -4.16 6.46
CA LEU A 152 -12.39 -3.56 5.77
C LEU A 152 -12.24 -2.04 5.66
N GLY A 153 -11.24 -1.49 6.35
CA GLY A 153 -10.88 -0.08 6.16
C GLY A 153 -9.97 0.18 4.97
N MET A 154 -9.55 -0.87 4.27
CA MET A 154 -8.57 -0.73 3.19
C MET A 154 -9.19 -0.26 1.88
N ASP A 155 -8.44 0.53 1.12
CA ASP A 155 -8.94 1.15 -0.12
C ASP A 155 -9.56 0.16 -1.11
N PHE A 156 -8.98 -1.04 -1.24
CA PHE A 156 -9.48 -1.96 -2.29
C PHE A 156 -10.93 -2.36 -2.07
N ILE A 157 -11.42 -2.24 -0.84
CA ILE A 157 -12.80 -2.64 -0.53
C ILE A 157 -13.67 -1.40 -0.27
N SER A 158 -13.33 -0.31 -0.98
CA SER A 158 -14.18 0.88 -1.02
C SER A 158 -15.57 0.50 -1.54
N ILE A 159 -16.58 1.27 -1.14
CA ILE A 159 -17.95 0.94 -1.50
C ILE A 159 -18.36 1.79 -2.70
N TYR A 160 -18.62 1.12 -3.81
CA TYR A 160 -19.07 1.77 -5.03
C TYR A 160 -20.60 1.87 -5.06
N SER A 161 -21.12 2.51 -6.09
CA SER A 161 -22.56 2.68 -6.29
C SER A 161 -23.12 1.61 -7.22
N ALA A 162 -23.94 0.73 -6.67
CA ALA A 162 -24.66 -0.26 -7.49
C ALA A 162 -25.59 0.40 -8.51
N GLU A 163 -26.22 1.52 -8.14
CA GLU A 163 -27.12 2.18 -9.09
C GLU A 163 -26.33 2.72 -10.30
N TYR A 164 -25.22 3.39 -10.02
CA TYR A 164 -24.30 3.88 -11.03
C TYR A 164 -23.89 2.74 -11.96
N ALA A 165 -23.51 1.62 -11.37
CA ALA A 165 -23.06 0.47 -12.17
C ALA A 165 -24.19 -0.02 -13.07
N ASP A 166 -25.41 -0.06 -12.53
CA ASP A 166 -26.58 -0.52 -13.29
C ASP A 166 -26.81 0.39 -14.48
N LYS A 167 -26.77 1.70 -14.22
CA LYS A 167 -27.08 2.69 -15.24
C LYS A 167 -26.04 2.72 -16.35
N MET A 168 -24.76 2.60 -15.98
CA MET A 168 -23.69 2.67 -16.96
C MET A 168 -23.63 1.39 -17.80
N LEU A 169 -23.97 0.26 -17.19
CA LEU A 169 -24.00 -0.99 -17.92
C LEU A 169 -25.12 -0.95 -18.95
N ALA A 170 -26.27 -0.43 -18.53
CA ALA A 170 -27.42 -0.32 -19.42
C ALA A 170 -27.13 0.62 -20.59
N ALA A 171 -26.30 1.64 -20.34
CA ALA A 171 -25.95 2.60 -21.37
C ALA A 171 -24.80 2.11 -22.26
N GLY A 172 -24.28 0.92 -21.98
CA GLY A 172 -23.25 0.32 -22.80
C GLY A 172 -21.83 0.84 -22.54
N LYS A 173 -21.63 1.47 -21.39
CA LYS A 173 -20.31 1.99 -21.02
C LYS A 173 -20.00 1.74 -19.54
N PRO A 174 -19.95 0.47 -19.14
CA PRO A 174 -19.69 0.12 -17.75
C PRO A 174 -18.32 0.60 -17.24
N GLU A 175 -17.35 0.73 -18.13
CA GLU A 175 -16.00 1.13 -17.74
CA GLU A 175 -16.01 1.14 -17.73
C GLU A 175 -16.02 2.52 -17.09
N THR A 176 -17.10 3.26 -17.31
CA THR A 176 -17.24 4.62 -16.79
C THR A 176 -17.14 4.66 -15.25
N ILE A 177 -17.61 3.62 -14.57
CA ILE A 177 -17.57 3.66 -13.11
C ILE A 177 -16.12 3.52 -12.62
N ASP A 178 -15.25 2.96 -13.46
CA ASP A 178 -13.84 2.84 -13.11
C ASP A 178 -13.05 4.11 -13.40
N THR A 179 -13.28 4.74 -14.54
CA THR A 179 -12.53 5.94 -14.92
C THR A 179 -13.08 7.20 -14.27
N THR A 180 -14.36 7.16 -13.89
CA THR A 180 -15.05 8.37 -13.47
C THR A 180 -15.78 8.11 -12.16
N PRO A 181 -15.03 8.10 -11.05
CA PRO A 181 -15.57 7.59 -9.78
C PRO A 181 -16.75 8.36 -9.22
N ILE A 182 -17.72 7.61 -8.69
CA ILE A 182 -18.81 8.17 -7.89
C ILE A 182 -18.76 7.44 -6.55
N GLY A 183 -18.66 8.18 -5.45
CA GLY A 183 -18.64 7.57 -4.13
C GLY A 183 -19.52 8.31 -3.14
N THR A 184 -19.35 7.98 -1.87
CA THR A 184 -20.05 8.67 -0.80
C THR A 184 -19.07 9.56 -0.03
N GLY A 185 -17.81 9.59 -0.49
CA GLY A 185 -16.71 10.17 0.28
C GLY A 185 -16.73 11.69 0.39
N PRO A 186 -15.79 12.24 1.19
CA PRO A 186 -15.82 13.68 1.52
C PRO A 186 -15.57 14.62 0.34
N PHE A 187 -14.91 14.14 -0.70
CA PHE A 187 -14.73 14.92 -1.92
C PHE A 187 -15.27 14.15 -3.11
N LEU A 188 -15.66 14.85 -4.15
CA LEU A 188 -16.16 14.19 -5.36
C LEU A 188 -15.24 14.50 -6.53
N PHE A 189 -15.21 13.58 -7.49
CA PHE A 189 -14.32 13.68 -8.64
C PHE A 189 -14.83 14.72 -9.62
N ALA A 190 -13.97 15.67 -10.00
CA ALA A 190 -14.35 16.75 -10.90
C ALA A 190 -13.46 16.78 -12.14
N GLY A 191 -12.84 15.65 -12.47
CA GLY A 191 -12.19 15.51 -13.76
C GLY A 191 -10.68 15.27 -13.71
N TYR A 192 -10.16 14.72 -14.79
CA TYR A 192 -8.74 14.43 -14.89
C TYR A 192 -8.23 14.81 -16.29
N GLN A 193 -7.16 15.58 -16.33
CA GLN A 193 -6.47 15.92 -17.57
C GLN A 193 -5.14 15.19 -17.55
N VAL A 194 -4.92 14.33 -18.53
CA VAL A 194 -3.78 13.42 -18.53
C VAL A 194 -2.46 14.18 -18.35
N ASP A 195 -1.64 13.70 -17.42
CA ASP A 195 -0.34 14.30 -17.14
C ASP A 195 -0.39 15.78 -16.75
N GLN A 196 -1.56 16.27 -16.33
CA GLN A 196 -1.66 17.64 -15.80
C GLN A 196 -2.19 17.65 -14.37
N LYS A 197 -3.42 17.18 -14.16
CA LYS A 197 -4.01 17.25 -12.83
C LYS A 197 -5.35 16.53 -12.74
N SER A 198 -5.70 16.08 -11.54
CA SER A 198 -7.09 15.70 -11.27
C SER A 198 -7.66 16.73 -10.31
N ARG A 199 -8.97 16.91 -10.33
CA ARG A 199 -9.64 17.93 -9.52
C ARG A 199 -10.74 17.29 -8.68
N TYR A 200 -11.01 17.87 -7.51
CA TYR A 200 -12.05 17.36 -6.63
C TYR A 200 -12.79 18.53 -5.99
N LEU A 201 -14.04 18.31 -5.59
CA LEU A 201 -14.80 19.32 -4.85
C LEU A 201 -15.36 18.73 -3.56
N ALA A 202 -15.52 19.57 -2.55
CA ALA A 202 -16.14 19.11 -1.31
C ALA A 202 -17.55 18.60 -1.62
N HIS A 203 -17.85 17.40 -1.15
CA HIS A 203 -19.19 16.82 -1.21
C HIS A 203 -20.04 17.52 -0.16
N LYS A 204 -20.84 18.49 -0.58
CA LYS A 204 -21.57 19.33 0.36
C LYS A 204 -22.48 18.53 1.30
N GLU A 205 -23.01 17.41 0.79
CA GLU A 205 -23.92 16.58 1.57
CA GLU A 205 -23.92 16.57 1.56
C GLU A 205 -23.21 15.39 2.23
N TYR A 206 -21.90 15.47 2.39
CA TYR A 206 -21.16 14.38 3.01
C TYR A 206 -21.77 14.02 4.35
N TRP A 207 -21.92 12.72 4.59
CA TRP A 207 -22.68 12.25 5.76
C TRP A 207 -22.08 12.68 7.08
N LYS A 208 -20.77 12.93 7.12
CA LYS A 208 -20.12 13.31 8.37
C LYS A 208 -19.96 14.83 8.51
N GLY A 209 -20.45 15.58 7.53
CA GLY A 209 -20.37 17.04 7.55
C GLY A 209 -19.37 17.53 6.51
N LYS A 210 -19.71 18.62 5.83
CA LYS A 210 -18.92 19.12 4.72
C LYS A 210 -17.47 19.44 5.12
N ALA A 211 -16.54 19.12 4.23
CA ALA A 211 -15.13 19.37 4.45
C ALA A 211 -14.84 20.88 4.54
N ASP A 212 -13.79 21.24 5.27
CA ASP A 212 -13.41 22.64 5.44
C ASP A 212 -12.70 23.15 4.18
N ILE A 213 -12.18 22.24 3.36
CA ILE A 213 -11.59 22.63 2.08
C ILE A 213 -12.65 22.46 0.97
N ASP A 214 -12.85 23.52 0.19
CA ASP A 214 -13.88 23.54 -0.86
C ASP A 214 -13.45 22.86 -2.17
N ARG A 215 -12.17 22.98 -2.49
CA ARG A 215 -11.64 22.49 -3.77
CA ARG A 215 -11.65 22.50 -3.76
C ARG A 215 -10.26 21.89 -3.57
N LEU A 216 -10.01 20.78 -4.23
CA LEU A 216 -8.73 20.08 -4.15
CA LEU A 216 -8.72 20.09 -4.16
C LEU A 216 -8.19 19.90 -5.57
N ILE A 217 -6.92 20.21 -5.78
CA ILE A 217 -6.31 19.97 -7.09
C ILE A 217 -5.07 19.12 -6.86
N PHE A 218 -5.02 17.94 -7.48
CA PHE A 218 -3.81 17.14 -7.50
C PHE A 218 -3.02 17.48 -8.77
N GLU A 219 -2.15 18.47 -8.67
CA GLU A 219 -1.33 18.90 -9.79
CA GLU A 219 -1.31 18.91 -9.78
C GLU A 219 -0.13 17.97 -9.95
N ILE A 220 0.01 17.41 -11.15
CA ILE A 220 1.11 16.49 -11.43
C ILE A 220 2.35 17.28 -11.83
N VAL A 221 3.32 17.32 -10.91
CA VAL A 221 4.54 18.07 -11.08
C VAL A 221 5.71 17.10 -10.93
N PRO A 222 6.13 16.50 -12.04
CA PRO A 222 7.03 15.35 -11.96
C PRO A 222 8.44 15.66 -11.43
N ASP A 223 8.90 16.90 -11.57
CA ASP A 223 10.26 17.27 -11.18
C ASP A 223 10.29 17.76 -9.73
N ALA A 224 10.99 17.02 -8.88
CA ALA A 224 11.07 17.34 -7.46
C ALA A 224 11.56 18.78 -7.23
N THR A 225 12.47 19.23 -8.10
CA THR A 225 12.98 20.61 -8.02
C THR A 225 11.85 21.62 -8.24
N ALA A 226 10.99 21.33 -9.20
CA ALA A 226 9.83 22.19 -9.44
C ALA A 226 8.83 22.14 -8.27
N ARG A 227 8.65 20.97 -7.68
CA ARG A 227 7.72 20.86 -6.56
C ARG A 227 8.18 21.75 -5.41
N TYR A 228 9.47 21.72 -5.12
CA TYR A 228 10.02 22.56 -4.06
C TYR A 228 9.88 24.05 -4.40
N ALA A 229 10.15 24.42 -5.65
CA ALA A 229 10.08 25.81 -6.05
C ALA A 229 8.65 26.32 -5.92
N LYS A 230 7.69 25.49 -6.31
CA LYS A 230 6.28 25.84 -6.22
C LYS A 230 5.82 25.97 -4.77
N LEU A 231 6.28 25.06 -3.92
CA LEU A 231 5.93 25.12 -2.50
C LEU A 231 6.42 26.43 -1.89
N GLN A 232 7.64 26.81 -2.24
CA GLN A 232 8.20 28.07 -1.74
C GLN A 232 7.40 29.28 -2.25
N ALA A 233 6.98 29.23 -3.51
CA ALA A 233 6.22 30.32 -4.10
C ALA A 233 4.76 30.32 -3.63
N GLY A 234 4.36 29.27 -2.92
CA GLY A 234 3.00 29.14 -2.45
C GLY A 234 2.05 28.57 -3.49
N ALA A 235 2.60 28.02 -4.56
CA ALA A 235 1.80 27.40 -5.62
C ALA A 235 1.46 25.95 -5.30
N CYS A 236 2.07 25.41 -4.25
CA CYS A 236 1.74 24.07 -3.73
C CYS A 236 1.53 24.19 -2.22
N ASP A 237 0.57 23.42 -1.69
CA ASP A 237 0.36 23.34 -0.25
C ASP A 237 0.93 22.05 0.35
N LEU A 238 1.23 21.08 -0.50
CA LEU A 238 1.84 19.82 -0.07
C LEU A 238 2.62 19.30 -1.27
N ILE A 239 3.78 18.69 -1.01
CA ILE A 239 4.52 18.03 -2.09
C ILE A 239 4.96 16.64 -1.64
N ASP A 240 5.28 15.77 -2.60
CA ASP A 240 5.84 14.46 -2.29
C ASP A 240 7.32 14.33 -2.68
N PHE A 241 8.01 13.38 -2.04
CA PHE A 241 9.34 12.94 -2.46
C PHE A 241 10.30 14.07 -2.85
N PRO A 242 10.61 14.97 -1.91
CA PRO A 242 11.55 16.04 -2.23
C PRO A 242 12.96 15.50 -2.48
N ASN A 243 13.75 16.19 -3.31
CA ASN A 243 15.16 15.87 -3.46
C ASN A 243 15.91 16.06 -2.15
N ALA A 244 17.00 15.32 -1.98
CA ALA A 244 17.76 15.31 -0.73
C ALA A 244 18.18 16.71 -0.30
N ALA A 245 18.79 17.46 -1.22
CA ALA A 245 19.32 18.79 -0.87
C ALA A 245 18.22 19.76 -0.47
N ASP A 246 17.04 19.63 -1.10
CA ASP A 246 15.93 20.51 -0.77
C ASP A 246 15.34 20.10 0.58
N LEU A 247 15.34 18.80 0.85
CA LEU A 247 14.85 18.31 2.12
C LEU A 247 15.66 18.91 3.27
N GLU A 248 16.97 18.95 3.08
CA GLU A 248 17.87 19.53 4.09
C GLU A 248 17.49 20.97 4.36
N LYS A 249 17.20 21.72 3.30
CA LYS A 249 16.82 23.11 3.44
C LYS A 249 15.48 23.26 4.14
N MET A 250 14.54 22.39 3.81
CA MET A 250 13.18 22.53 4.31
C MET A 250 13.05 22.26 5.80
N LYS A 251 14.04 21.56 6.36
CA LYS A 251 14.04 21.28 7.80
C LYS A 251 14.00 22.56 8.62
N THR A 252 14.60 23.62 8.10
CA THR A 252 14.65 24.88 8.83
C THR A 252 14.14 26.05 7.98
N ASP A 253 13.46 25.73 6.88
CA ASP A 253 12.85 26.73 6.00
C ASP A 253 11.59 27.29 6.64
N PRO A 254 11.53 28.62 6.85
CA PRO A 254 10.40 29.22 7.56
C PRO A 254 9.10 29.18 6.78
N LYS A 255 9.18 28.94 5.47
CA LYS A 255 8.00 28.85 4.62
C LYS A 255 7.42 27.45 4.60
N VAL A 256 8.05 26.51 5.31
CA VAL A 256 7.62 25.12 5.27
C VAL A 256 7.28 24.58 6.64
N ASN A 257 6.14 23.89 6.72
CA ASN A 257 5.79 23.08 7.88
C ASN A 257 6.07 21.63 7.51
N LEU A 258 7.22 21.12 7.95
CA LEU A 258 7.65 19.79 7.55
C LEU A 258 7.20 18.72 8.55
N HIS A 259 6.27 17.88 8.14
CA HIS A 259 5.83 16.76 8.97
C HIS A 259 6.71 15.56 8.67
N SER A 260 7.08 14.82 9.70
CA SER A 260 7.83 13.59 9.50
C SER A 260 7.43 12.54 10.52
N GLN A 261 7.58 11.27 10.12
CA GLN A 261 7.31 10.17 11.03
C GLN A 261 8.04 8.95 10.49
N SER A 262 8.38 8.02 11.36
CA SER A 262 8.96 6.76 10.94
C SER A 262 7.94 6.02 10.07
N GLY A 263 8.41 5.50 8.93
CA GLY A 263 7.52 4.81 8.01
C GLY A 263 7.16 3.42 8.47
N LEU A 264 5.92 3.03 8.21
CA LEU A 264 5.48 1.67 8.46
C LEU A 264 5.75 0.90 7.18
N ASN A 265 7.03 0.73 6.84
CA ASN A 265 7.38 0.17 5.54
C ASN A 265 8.72 -0.58 5.59
N ILE A 266 9.06 -1.22 4.48
CA ILE A 266 10.31 -1.96 4.35
C ILE A 266 10.73 -1.88 2.90
N ALA A 267 11.97 -1.49 2.65
CA ALA A 267 12.55 -1.62 1.32
C ALA A 267 13.46 -2.84 1.36
N TYR A 268 13.42 -3.65 0.31
CA TYR A 268 14.11 -4.94 0.34
C TYR A 268 14.65 -5.34 -1.02
N ILE A 269 15.63 -6.26 -0.98
CA ILE A 269 16.01 -7.03 -2.16
C ILE A 269 15.34 -8.39 -2.03
N ALA A 270 14.51 -8.76 -3.01
CA ALA A 270 13.90 -10.09 -3.02
C ALA A 270 14.75 -11.04 -3.85
N PHE A 271 14.99 -12.24 -3.33
CA PHE A 271 15.58 -13.32 -4.12
C PHE A 271 14.47 -14.22 -4.65
N ASN A 272 14.58 -14.68 -5.89
CA ASN A 272 13.63 -15.64 -6.42
C ASN A 272 14.02 -17.02 -5.90
N THR A 273 13.39 -17.43 -4.79
CA THR A 273 13.82 -18.62 -4.08
C THR A 273 13.49 -19.91 -4.84
N GLU A 274 12.84 -19.78 -6.00
CA GLU A 274 12.52 -20.95 -6.82
C GLU A 274 13.42 -21.04 -8.04
N LYS A 275 14.47 -20.22 -8.07
CA LYS A 275 15.35 -20.16 -9.24
C LYS A 275 16.81 -20.26 -8.83
N ALA A 276 17.48 -21.33 -9.25
CA ALA A 276 18.90 -21.48 -8.98
C ALA A 276 19.64 -20.27 -9.56
N PRO A 277 20.66 -19.79 -8.84
CA PRO A 277 21.21 -20.36 -7.60
C PRO A 277 20.55 -19.84 -6.32
N PHE A 278 19.51 -19.01 -6.46
CA PHE A 278 18.89 -18.37 -5.31
C PHE A 278 18.01 -19.34 -4.52
N ASP A 279 17.82 -20.56 -5.03
CA ASP A 279 17.07 -21.57 -4.29
C ASP A 279 17.91 -22.23 -3.20
N ASN A 280 19.20 -21.94 -3.17
CA ASN A 280 20.08 -22.42 -2.11
C ASN A 280 20.15 -21.38 -0.98
N VAL A 281 19.69 -21.77 0.20
CA VAL A 281 19.65 -20.84 1.34
C VAL A 281 21.05 -20.28 1.64
N LYS A 282 22.09 -21.06 1.38
CA LYS A 282 23.45 -20.60 1.62
C LYS A 282 23.84 -19.43 0.73
N VAL A 283 23.38 -19.45 -0.53
CA VAL A 283 23.62 -18.34 -1.45
C VAL A 283 22.87 -17.09 -0.97
N ARG A 284 21.63 -17.26 -0.52
CA ARG A 284 20.83 -16.12 -0.05
C ARG A 284 21.46 -15.51 1.20
N GLN A 285 21.96 -16.35 2.10
CA GLN A 285 22.65 -15.85 3.28
C GLN A 285 23.94 -15.11 2.88
N ALA A 286 24.69 -15.70 1.94
CA ALA A 286 25.92 -15.08 1.48
C ALA A 286 25.70 -13.67 0.93
N LEU A 287 24.66 -13.50 0.12
CA LEU A 287 24.41 -12.21 -0.51
C LEU A 287 23.90 -11.19 0.51
N ASN A 288 23.39 -11.65 1.64
CA ASN A 288 23.15 -10.77 2.78
C ASN A 288 24.47 -10.34 3.40
N TYR A 289 25.33 -11.30 3.74
CA TYR A 289 26.61 -10.94 4.37
C TYR A 289 27.40 -9.98 3.48
N ALA A 290 27.21 -10.08 2.18
CA ALA A 290 28.01 -9.29 1.24
C ALA A 290 27.71 -7.79 1.33
N VAL A 291 26.52 -7.43 1.80
CA VAL A 291 26.04 -6.06 1.63
C VAL A 291 26.28 -5.19 2.86
N ASP A 292 26.80 -3.99 2.63
CA ASP A 292 27.03 -3.00 3.68
C ASP A 292 25.81 -2.06 3.74
N LYS A 293 24.88 -2.34 4.65
CA LYS A 293 23.64 -1.57 4.72
C LYS A 293 23.90 -0.15 5.20
N ASN A 294 24.88 0.02 6.07
CA ASN A 294 25.20 1.35 6.55
C ASN A 294 25.53 2.28 5.39
N ALA A 295 26.28 1.78 4.41
CA ALA A 295 26.68 2.57 3.26
C ALA A 295 25.46 2.99 2.44
N ILE A 296 24.43 2.14 2.42
CA ILE A 296 23.18 2.45 1.73
C ILE A 296 22.39 3.50 2.49
N ILE A 297 22.32 3.39 3.80
CA ILE A 297 21.63 4.39 4.59
C ILE A 297 22.27 5.77 4.36
N ASP A 298 23.60 5.81 4.33
CA ASP A 298 24.31 7.06 4.13
C ASP A 298 24.04 7.62 2.72
N ALA A 299 24.27 6.79 1.71
CA ALA A 299 24.29 7.27 0.33
C ALA A 299 22.89 7.46 -0.25
N VAL A 300 22.00 6.50 0.01
CA VAL A 300 20.64 6.58 -0.52
C VAL A 300 19.70 7.38 0.38
N TYR A 301 19.68 7.08 1.67
CA TYR A 301 18.71 7.69 2.58
C TYR A 301 19.23 9.00 3.21
N ARG A 302 20.54 9.21 3.11
CA ARG A 302 21.18 10.37 3.74
C ARG A 302 20.81 10.47 5.21
N GLY A 303 20.62 9.33 5.87
CA GLY A 303 20.36 9.31 7.30
C GLY A 303 18.88 9.31 7.66
N ALA A 304 18.02 9.62 6.68
CA ALA A 304 16.57 9.62 6.86
C ALA A 304 16.00 8.21 6.65
N GLY A 305 16.35 7.31 7.54
CA GLY A 305 15.88 5.94 7.48
C GLY A 305 16.79 5.12 8.36
N VAL A 306 16.49 3.84 8.53
CA VAL A 306 17.30 3.01 9.38
C VAL A 306 17.48 1.65 8.73
N ALA A 307 18.67 1.08 8.87
CA ALA A 307 18.94 -0.26 8.37
C ALA A 307 17.96 -1.24 8.99
N ALA A 308 17.40 -2.11 8.15
CA ALA A 308 16.32 -3.02 8.57
C ALA A 308 16.89 -4.36 9.01
N LYS A 309 16.30 -4.92 10.07
CA LYS A 309 16.71 -6.21 10.64
C LYS A 309 15.59 -7.24 10.51
N ASN A 310 14.37 -6.75 10.32
CA ASN A 310 13.19 -7.58 10.08
C ASN A 310 12.40 -6.96 8.96
N PRO A 311 11.54 -7.75 8.31
CA PRO A 311 10.62 -7.17 7.32
C PRO A 311 9.51 -6.34 7.99
N LEU A 312 9.30 -6.51 9.29
CA LEU A 312 8.38 -5.65 10.03
C LEU A 312 9.11 -4.39 10.48
N PRO A 313 8.42 -3.25 10.46
CA PRO A 313 9.07 -2.02 10.96
C PRO A 313 9.12 -1.99 12.49
N PRO A 314 10.11 -1.29 13.05
CA PRO A 314 10.33 -1.22 14.50
C PRO A 314 9.12 -0.70 15.27
N THR A 315 8.23 0.02 14.58
CA THR A 315 7.12 0.69 15.25
C THR A 315 5.80 -0.07 15.18
N ILE A 316 5.82 -1.31 14.73
CA ILE A 316 4.61 -2.13 14.74
C ILE A 316 4.70 -3.20 15.83
N TRP A 317 3.57 -3.57 16.41
CA TRP A 317 3.57 -4.59 17.45
C TRP A 317 3.92 -5.94 16.84
N GLY A 318 4.54 -6.81 17.63
CA GLY A 318 4.99 -8.09 17.13
C GLY A 318 6.40 -8.05 16.55
N TYR A 319 6.97 -6.86 16.42
CA TYR A 319 8.35 -6.70 15.96
C TYR A 319 9.31 -7.42 16.92
N ASN A 320 10.26 -8.17 16.38
CA ASN A 320 11.18 -8.97 17.21
C ASN A 320 12.50 -8.24 17.42
N ASN A 321 12.68 -7.65 18.60
CA ASN A 321 13.87 -6.85 18.91
C ASN A 321 15.15 -7.64 19.16
N GLU A 322 15.04 -8.95 19.30
CA GLU A 322 16.19 -9.80 19.57
C GLU A 322 16.86 -10.26 18.27
N ILE A 323 16.20 -10.04 17.15
CA ILE A 323 16.76 -10.35 15.84
C ILE A 323 17.84 -9.34 15.47
N THR A 324 18.96 -9.85 14.97
CA THR A 324 19.99 -9.00 14.38
C THR A 324 20.04 -9.23 12.88
N GLY A 325 20.41 -8.21 12.12
CA GLY A 325 20.65 -8.40 10.70
C GLY A 325 21.88 -9.26 10.49
N TYR A 326 22.08 -9.74 9.26
CA TYR A 326 23.35 -10.37 8.91
C TYR A 326 24.42 -9.28 8.97
N GLU A 327 25.55 -9.57 9.60
CA GLU A 327 26.64 -8.60 9.68
C GLU A 327 27.24 -8.39 8.29
N TYR A 328 27.82 -7.22 8.07
CA TYR A 328 28.55 -6.95 6.82
C TYR A 328 29.89 -7.68 6.91
N SER A 329 30.04 -8.73 6.09
CA SER A 329 31.24 -9.55 6.11
C SER A 329 31.46 -10.21 4.74
N PRO A 330 32.21 -9.54 3.85
CA PRO A 330 32.52 -10.19 2.57
C PRO A 330 33.22 -11.54 2.75
N GLU A 331 34.02 -11.66 3.82
CA GLU A 331 34.71 -12.92 4.11
C GLU A 331 33.72 -14.07 4.31
N LYS A 332 32.71 -13.86 5.15
CA LYS A 332 31.68 -14.88 5.38
C LYS A 332 30.88 -15.16 4.11
N ALA A 333 30.61 -14.12 3.33
CA ALA A 333 29.89 -14.31 2.07
C ALA A 333 30.66 -15.27 1.16
N LYS A 334 31.97 -15.04 1.01
CA LYS A 334 32.79 -15.88 0.13
C LYS A 334 32.81 -17.32 0.60
N GLN A 335 32.95 -17.51 1.91
CA GLN A 335 32.96 -18.87 2.46
C GLN A 335 31.68 -19.60 2.13
N LEU A 336 30.53 -18.95 2.34
CA LEU A 336 29.25 -19.58 2.04
C LEU A 336 29.10 -19.87 0.56
N LEU A 337 29.54 -18.94 -0.28
CA LEU A 337 29.45 -19.14 -1.73
C LEU A 337 30.30 -20.34 -2.12
N LYS A 338 31.44 -20.51 -1.47
CA LYS A 338 32.31 -21.63 -1.76
C LYS A 338 31.62 -22.94 -1.40
N GLU A 339 31.00 -22.99 -0.23
CA GLU A 339 30.27 -24.17 0.22
C GLU A 339 29.11 -24.50 -0.72
N ALA A 340 28.56 -23.47 -1.35
CA ALA A 340 27.42 -23.66 -2.25
C ALA A 340 27.89 -24.10 -3.64
N GLY A 341 29.19 -24.20 -3.83
CA GLY A 341 29.76 -24.63 -5.10
C GLY A 341 30.06 -23.49 -6.05
N PHE A 342 30.20 -22.29 -5.49
CA PHE A 342 30.42 -21.09 -6.30
C PHE A 342 31.62 -20.29 -5.82
N GLU A 343 32.76 -20.94 -5.65
CA GLU A 343 33.99 -20.23 -5.27
C GLU A 343 34.36 -19.23 -6.37
N ASN A 344 34.05 -19.59 -7.61
CA ASN A 344 34.32 -18.73 -8.75
C ASN A 344 33.17 -17.78 -9.04
N GLY A 345 32.23 -17.67 -8.10
CA GLY A 345 31.10 -16.76 -8.25
C GLY A 345 30.15 -17.17 -9.36
N PHE A 346 29.33 -16.22 -9.81
CA PHE A 346 28.40 -16.44 -10.91
C PHE A 346 27.91 -15.10 -11.45
N GLU A 347 27.20 -15.16 -12.57
CA GLU A 347 26.62 -13.97 -13.20
C GLU A 347 25.11 -13.96 -12.98
N THR A 348 24.54 -12.79 -12.75
CA THR A 348 23.11 -12.67 -12.55
C THR A 348 22.62 -11.27 -12.93
N ASP A 349 21.34 -11.00 -12.68
CA ASP A 349 20.78 -9.68 -12.88
C ASP A 349 20.28 -9.14 -11.55
N ILE A 350 20.32 -7.81 -11.40
CA ILE A 350 19.60 -7.16 -10.33
C ILE A 350 18.53 -6.29 -10.97
N TRP A 351 17.28 -6.59 -10.64
CA TRP A 351 16.15 -5.81 -11.13
C TRP A 351 15.99 -4.51 -10.36
N VAL A 352 15.76 -3.41 -11.08
CA VAL A 352 15.75 -2.07 -10.49
C VAL A 352 14.37 -1.44 -10.67
N GLN A 353 13.75 -1.04 -9.58
CA GLN A 353 12.41 -0.45 -9.64
C GLN A 353 12.46 0.94 -10.29
N PRO A 354 11.61 1.19 -11.28
CA PRO A 354 11.74 2.40 -12.11
C PRO A 354 11.16 3.68 -11.49
N VAL A 355 10.32 3.56 -10.45
CA VAL A 355 9.70 4.73 -9.83
C VAL A 355 9.96 4.75 -8.33
N VAL A 356 9.95 5.94 -7.76
CA VAL A 356 10.14 6.12 -6.33
C VAL A 356 8.83 5.95 -5.57
N ARG A 357 8.86 5.12 -4.53
CA ARG A 357 7.71 4.88 -3.65
C ARG A 357 8.16 5.13 -2.19
N ALA A 358 7.29 4.83 -1.22
CA ALA A 358 7.50 5.35 0.13
C ALA A 358 8.83 4.92 0.78
N SER A 359 9.24 3.68 0.55
CA SER A 359 10.27 3.07 1.38
C SER A 359 11.69 3.31 0.89
N ASN A 360 11.87 3.94 -0.25
CA ASN A 360 13.20 4.01 -0.86
C ASN A 360 13.29 5.15 -1.85
N PRO A 361 14.04 6.22 -1.49
CA PRO A 361 14.06 7.39 -2.37
C PRO A 361 14.91 7.23 -3.65
N ASN A 362 15.62 6.11 -3.78
CA ASN A 362 16.45 5.92 -4.98
C ASN A 362 16.81 4.45 -5.19
N PRO A 363 15.85 3.68 -5.73
CA PRO A 363 16.08 2.25 -5.99
C PRO A 363 17.29 1.98 -6.88
N ARG A 364 17.54 2.81 -7.88
CA ARG A 364 18.68 2.58 -8.76
C ARG A 364 20.02 2.74 -8.02
N ARG A 365 20.15 3.75 -7.19
CA ARG A 365 21.41 3.94 -6.46
CA ARG A 365 21.40 3.96 -6.43
C ARG A 365 21.60 2.78 -5.47
N MET A 366 20.52 2.35 -4.83
CA MET A 366 20.59 1.22 -3.91
CA MET A 366 20.59 1.21 -3.91
C MET A 366 21.07 -0.03 -4.66
N ALA A 367 20.53 -0.24 -5.85
CA ALA A 367 20.92 -1.39 -6.67
C ALA A 367 22.38 -1.30 -7.07
N GLU A 368 22.87 -0.09 -7.38
CA GLU A 368 24.26 0.09 -7.77
C GLU A 368 25.18 -0.30 -6.62
N LEU A 369 24.76 0.03 -5.40
CA LEU A 369 25.58 -0.27 -4.23
C LEU A 369 25.61 -1.76 -3.94
N VAL A 370 24.47 -2.41 -4.05
CA VAL A 370 24.37 -3.85 -3.85
C VAL A 370 25.19 -4.54 -4.94
N GLN A 371 25.03 -4.08 -6.18
CA GLN A 371 25.79 -4.62 -7.30
C GLN A 371 27.29 -4.59 -6.99
N SER A 372 27.77 -3.44 -6.51
CA SER A 372 29.19 -3.29 -6.19
C SER A 372 29.62 -4.24 -5.06
N ASP A 373 28.80 -4.37 -4.03
CA ASP A 373 29.09 -5.27 -2.92
C ASP A 373 29.17 -6.72 -3.39
N TRP A 374 28.23 -7.13 -4.23
CA TRP A 374 28.21 -8.52 -4.72
C TRP A 374 29.43 -8.78 -5.59
N GLU A 375 29.83 -7.78 -6.37
CA GLU A 375 31.02 -7.90 -7.21
C GLU A 375 32.24 -8.29 -6.38
N LYS A 376 32.36 -7.75 -5.17
CA LYS A 376 33.52 -8.02 -4.32
C LYS A 376 33.61 -9.48 -3.87
N VAL A 377 32.50 -10.21 -3.94
CA VAL A 377 32.53 -11.62 -3.54
C VAL A 377 32.33 -12.54 -4.75
N GLY A 378 32.50 -11.98 -5.94
CA GLY A 378 32.58 -12.77 -7.15
C GLY A 378 31.28 -12.86 -7.93
N VAL A 379 30.26 -12.15 -7.46
CA VAL A 379 28.96 -12.21 -8.11
C VAL A 379 28.76 -10.97 -8.99
N LYS A 380 28.86 -11.18 -10.30
CA LYS A 380 28.74 -10.10 -11.28
C LYS A 380 27.32 -10.00 -11.78
N SER A 381 26.88 -8.80 -12.12
CA SER A 381 25.49 -8.61 -12.53
C SER A 381 25.29 -7.47 -13.51
N LYS A 382 24.18 -7.53 -14.23
CA LYS A 382 23.70 -6.38 -14.99
C LYS A 382 22.48 -5.85 -14.25
N LEU A 383 22.26 -4.54 -14.31
CA LEU A 383 21.02 -3.98 -13.83
C LEU A 383 19.96 -4.10 -14.93
N VAL A 384 18.76 -4.50 -14.53
CA VAL A 384 17.67 -4.71 -15.48
C VAL A 384 16.45 -3.95 -14.98
N SER A 385 15.74 -3.28 -15.87
CA SER A 385 14.55 -2.52 -15.48
C SER A 385 13.52 -2.55 -16.59
N TYR A 386 12.28 -2.21 -16.24
CA TYR A 386 11.18 -2.08 -17.18
C TYR A 386 10.28 -0.97 -16.66
N GLU A 387 9.38 -0.47 -17.49
CA GLU A 387 8.38 0.48 -17.03
C GLU A 387 7.54 -0.16 -15.92
N TRP A 388 6.97 0.67 -15.05
CA TRP A 388 6.40 0.22 -13.78
C TRP A 388 5.43 -0.95 -13.89
N GLY A 389 4.40 -0.84 -14.72
CA GLY A 389 3.41 -1.90 -14.85
C GLY A 389 4.03 -3.20 -15.31
N ASP A 390 4.93 -3.09 -16.29
CA ASP A 390 5.63 -4.21 -16.89
C ASP A 390 6.59 -4.85 -15.87
N TYR A 391 7.24 -3.99 -15.09
CA TYR A 391 8.20 -4.40 -14.08
C TYR A 391 7.51 -5.31 -13.07
N ILE A 392 6.35 -4.89 -12.59
CA ILE A 392 5.63 -5.68 -11.60
C ILE A 392 5.02 -6.95 -12.19
N LYS A 393 4.45 -6.84 -13.39
CA LYS A 393 3.87 -8.01 -14.05
C LYS A 393 4.91 -9.13 -14.27
N ARG A 394 6.07 -8.76 -14.81
CA ARG A 394 7.14 -9.72 -15.02
C ARG A 394 7.63 -10.28 -13.70
N THR A 395 7.71 -9.42 -12.69
CA THR A 395 8.18 -9.86 -11.38
C THR A 395 7.24 -10.93 -10.83
N LYS A 396 5.94 -10.67 -10.93
CA LYS A 396 4.95 -11.59 -10.40
C LYS A 396 5.00 -12.94 -11.11
N ALA A 397 5.34 -12.92 -12.39
CA ALA A 397 5.46 -14.15 -13.17
C ALA A 397 6.72 -14.94 -12.83
N GLY A 398 7.62 -14.34 -12.05
CA GLY A 398 8.82 -15.02 -11.60
C GLY A 398 10.04 -14.82 -12.51
N GLU A 399 9.99 -13.81 -13.37
CA GLU A 399 11.11 -13.55 -14.26
C GLU A 399 12.34 -13.00 -13.51
N LEU A 400 12.13 -12.42 -12.33
CA LEU A 400 13.26 -11.81 -11.60
C LEU A 400 14.27 -12.86 -11.15
N THR A 401 15.49 -12.39 -10.94
CA THR A 401 16.51 -13.15 -10.26
C THR A 401 16.55 -12.62 -8.82
N ALA A 402 16.87 -11.34 -8.70
CA ALA A 402 16.82 -10.62 -7.44
C ALA A 402 16.47 -9.19 -7.82
N GLY A 403 15.76 -8.46 -6.96
CA GLY A 403 15.37 -7.12 -7.32
C GLY A 403 14.98 -6.23 -6.16
N THR A 404 14.93 -4.92 -6.43
CA THR A 404 14.57 -3.93 -5.43
C THR A 404 13.05 -3.74 -5.41
N TYR A 405 12.44 -3.88 -4.23
CA TYR A 405 11.00 -3.64 -4.07
C TYR A 405 10.75 -3.00 -2.71
N GLY A 406 9.49 -2.70 -2.41
CA GLY A 406 9.17 -2.10 -1.12
C GLY A 406 7.70 -2.28 -0.79
N TRP A 407 7.37 -2.15 0.48
CA TRP A 407 6.00 -2.40 0.95
C TRP A 407 5.70 -1.51 2.13
N SER A 408 4.54 -0.86 2.10
CA SER A 408 4.00 -0.14 3.26
C SER A 408 2.76 -0.89 3.76
N GLY A 409 2.62 -1.03 5.08
CA GLY A 409 1.44 -1.69 5.63
C GLY A 409 0.19 -0.86 5.47
N ASP A 410 -0.97 -1.51 5.42
CA ASP A 410 -2.23 -0.82 5.12
C ASP A 410 -3.32 -0.94 6.19
N ASN A 411 -3.16 -1.82 7.17
CA ASN A 411 -4.21 -2.01 8.17
C ASN A 411 -3.71 -2.00 9.61
N GLY A 412 -2.41 -1.77 9.79
CA GLY A 412 -1.83 -1.62 11.12
C GLY A 412 -1.43 -2.94 11.77
N ASP A 413 -1.64 -4.04 11.06
CA ASP A 413 -1.46 -5.37 11.64
C ASP A 413 -0.25 -6.08 11.04
N PRO A 414 0.53 -6.82 11.84
CA PRO A 414 1.69 -7.46 11.25
C PRO A 414 1.33 -8.53 10.21
N ASP A 415 0.12 -9.07 10.26
CA ASP A 415 -0.28 -10.05 9.27
C ASP A 415 -0.23 -9.46 7.86
N ASN A 416 -0.51 -8.16 7.75
CA ASN A 416 -0.57 -7.47 6.47
C ASN A 416 0.83 -7.14 5.94
N PHE A 417 1.86 -7.44 6.74
CA PHE A 417 3.22 -7.57 6.20
C PHE A 417 3.48 -9.04 5.84
N LEU A 418 3.45 -9.92 6.83
CA LEU A 418 3.96 -11.27 6.63
C LEU A 418 3.18 -12.12 5.61
N SER A 419 1.86 -12.04 5.61
CA SER A 419 1.08 -12.90 4.70
C SER A 419 1.19 -12.47 3.22
N PRO A 420 0.95 -11.18 2.92
CA PRO A 420 1.13 -10.78 1.52
C PRO A 420 2.56 -11.03 1.01
N LEU A 421 3.55 -10.83 1.86
CA LEU A 421 4.93 -10.85 1.40
C LEU A 421 5.54 -12.25 1.38
N PHE A 422 5.10 -13.12 2.29
CA PHE A 422 5.79 -14.40 2.47
C PHE A 422 4.90 -15.65 2.45
N GLY A 423 3.58 -15.46 2.47
CA GLY A 423 2.67 -16.60 2.45
C GLY A 423 2.70 -17.34 1.13
N SER A 424 2.69 -18.67 1.17
CA SER A 424 2.80 -19.46 -0.05
CA SER A 424 2.76 -19.50 -0.04
C SER A 424 1.66 -19.17 -1.03
N GLU A 425 0.47 -18.86 -0.50
CA GLU A 425 -0.70 -18.59 -1.33
C GLU A 425 -0.54 -17.34 -2.18
N ASN A 426 0.43 -16.50 -1.84
CA ASN A 426 0.59 -15.24 -2.56
C ASN A 426 1.75 -15.25 -3.54
N VAL A 427 2.33 -16.41 -3.80
CA VAL A 427 3.28 -16.51 -4.91
C VAL A 427 2.49 -16.23 -6.18
N GLY A 428 3.02 -15.33 -7.02
CA GLY A 428 2.31 -14.89 -8.21
C GLY A 428 1.47 -13.64 -7.96
N ASN A 429 1.27 -13.29 -6.69
CA ASN A 429 0.55 -12.05 -6.34
C ASN A 429 1.51 -11.00 -5.75
N SER A 430 1.76 -11.10 -4.45
CA SER A 430 2.51 -10.08 -3.71
C SER A 430 3.78 -10.65 -3.08
N ASN A 431 3.98 -11.96 -3.19
CA ASN A 431 5.14 -12.66 -2.63
C ASN A 431 6.16 -12.83 -3.76
N TYR A 432 6.95 -11.79 -4.01
CA TYR A 432 7.83 -11.78 -5.18
C TYR A 432 8.98 -12.78 -5.06
N ALA A 433 9.39 -13.09 -3.83
CA ALA A 433 10.48 -14.05 -3.60
C ALA A 433 10.02 -15.47 -3.90
N ARG A 434 8.72 -15.63 -4.13
CA ARG A 434 8.16 -16.95 -4.41
C ARG A 434 8.44 -17.90 -3.24
N PHE A 435 8.42 -17.36 -2.03
CA PHE A 435 8.78 -18.10 -0.83
C PHE A 435 7.64 -19.01 -0.38
N LYS A 436 7.88 -20.31 -0.34
CA LYS A 436 6.88 -21.26 0.14
C LYS A 436 7.47 -22.12 1.27
N ASN A 437 7.03 -21.83 2.48
CA ASN A 437 7.56 -22.48 3.67
C ASN A 437 6.40 -22.90 4.55
N PRO A 438 6.09 -24.20 4.58
CA PRO A 438 4.95 -24.72 5.37
C PRO A 438 4.99 -24.36 6.85
N GLU A 439 6.18 -24.31 7.44
CA GLU A 439 6.30 -23.98 8.85
C GLU A 439 5.85 -22.53 9.07
N LEU A 440 6.27 -21.64 8.18
CA LEU A 440 5.85 -20.24 8.27
C LEU A 440 4.34 -20.12 8.04
N ASP A 441 3.85 -20.79 7.00
CA ASP A 441 2.43 -20.79 6.69
C ASP A 441 1.59 -21.19 7.91
N ALA A 442 2.03 -22.23 8.62
CA ALA A 442 1.32 -22.67 9.83
C ALA A 442 1.33 -21.59 10.91
N LEU A 443 2.47 -20.94 11.13
CA LEU A 443 2.54 -19.86 12.12
C LEU A 443 1.56 -18.75 11.76
N LEU A 444 1.57 -18.31 10.50
CA LEU A 444 0.75 -17.19 10.07
C LEU A 444 -0.74 -17.56 10.13
N HIS A 445 -1.07 -18.80 9.79
CA HIS A 445 -2.46 -19.25 9.81
C HIS A 445 -3.00 -19.29 11.23
N LYS A 446 -2.18 -19.77 12.16
CA LYS A 446 -2.58 -19.84 13.57
C LYS A 446 -2.75 -18.44 14.17
N ALA A 447 -1.80 -17.56 13.88
CA ALA A 447 -1.78 -16.23 14.49
C ALA A 447 -2.96 -15.37 14.06
N VAL A 448 -3.33 -15.46 12.79
CA VAL A 448 -4.30 -14.51 12.24
C VAL A 448 -5.68 -14.67 12.87
N GLY A 449 -5.97 -15.82 13.46
CA GLY A 449 -7.30 -16.07 13.99
C GLY A 449 -7.46 -15.87 15.48
N LEU A 450 -6.34 -15.63 16.19
CA LEU A 450 -6.38 -15.52 17.64
C LEU A 450 -6.88 -14.16 18.12
N SER A 451 -7.54 -14.14 19.27
CA SER A 451 -8.00 -12.88 19.83
C SER A 451 -7.00 -12.35 20.86
N ASP A 452 -6.12 -13.23 21.33
CA ASP A 452 -5.10 -12.83 22.31
C ASP A 452 -3.90 -12.22 21.59
N LYS A 453 -3.79 -10.89 21.65
CA LYS A 453 -2.76 -10.16 20.94
C LYS A 453 -1.36 -10.53 21.41
N ALA A 454 -1.20 -10.77 22.71
CA ALA A 454 0.09 -11.16 23.26
C ALA A 454 0.57 -12.45 22.64
N GLU A 455 -0.34 -13.40 22.42
CA GLU A 455 0.00 -14.68 21.82
C GLU A 455 0.28 -14.52 20.33
N ARG A 456 -0.47 -13.65 19.66
CA ARG A 456 -0.18 -13.35 18.26
C ARG A 456 1.25 -12.82 18.13
N ALA A 457 1.62 -11.92 19.04
CA ALA A 457 2.94 -11.29 19.01
C ALA A 457 4.06 -12.31 19.15
N LYS A 458 3.86 -13.29 20.03
CA LYS A 458 4.88 -14.32 20.23
CA LYS A 458 4.88 -14.32 20.24
C LYS A 458 5.08 -15.12 18.96
N ILE A 459 3.97 -15.42 18.28
CA ILE A 459 4.02 -16.17 17.04
C ILE A 459 4.76 -15.40 15.94
N TYR A 460 4.41 -14.13 15.74
CA TYR A 460 5.11 -13.32 14.74
C TYR A 460 6.60 -13.17 15.07
N GLU A 461 6.92 -13.11 16.35
CA GLU A 461 8.31 -13.03 16.76
C GLU A 461 9.05 -14.29 16.29
N GLN A 462 8.43 -15.45 16.49
CA GLN A 462 8.99 -16.71 16.01
CA GLN A 462 8.99 -16.71 16.01
C GLN A 462 9.12 -16.68 14.49
N ALA A 463 8.11 -16.14 13.81
CA ALA A 463 8.11 -16.08 12.35
C ALA A 463 9.33 -15.30 11.85
N GLN A 464 9.70 -14.26 12.59
CA GLN A 464 10.84 -13.42 12.20
C GLN A 464 12.16 -14.17 12.37
N VAL A 465 12.23 -15.08 13.33
CA VAL A 465 13.42 -15.92 13.47
C VAL A 465 13.53 -16.81 12.24
N LEU A 466 12.42 -17.41 11.84
CA LEU A 466 12.40 -18.28 10.67
C LEU A 466 12.81 -17.52 9.43
N LEU A 467 12.30 -16.31 9.28
CA LEU A 467 12.57 -15.52 8.08
C LEU A 467 14.05 -15.12 8.00
N LYS A 468 14.68 -14.86 9.13
CA LYS A 468 16.09 -14.54 9.11
C LYS A 468 16.88 -15.75 8.62
N GLU A 469 16.57 -16.92 9.20
CA GLU A 469 17.29 -18.15 8.88
C GLU A 469 17.16 -18.51 7.41
N GLN A 470 15.96 -18.37 6.85
CA GLN A 470 15.71 -18.75 5.46
C GLN A 470 16.10 -17.67 4.45
N ALA A 471 16.28 -16.44 4.92
CA ALA A 471 16.77 -15.34 4.08
C ALA A 471 16.15 -15.27 2.68
N PRO A 472 14.81 -15.23 2.59
CA PRO A 472 14.22 -15.00 1.25
C PRO A 472 14.57 -13.62 0.70
N TRP A 473 14.97 -12.71 1.59
CA TRP A 473 15.26 -11.32 1.22
C TRP A 473 16.61 -10.86 1.76
N ILE A 474 17.04 -9.70 1.30
CA ILE A 474 17.81 -8.79 2.13
C ILE A 474 16.85 -7.70 2.61
N ASN A 475 16.59 -7.67 3.92
CA ASN A 475 15.92 -6.51 4.53
C ASN A 475 16.87 -5.33 4.45
N VAL A 476 16.49 -4.27 3.74
CA VAL A 476 17.42 -3.15 3.58
C VAL A 476 17.15 -1.99 4.55
N ALA A 477 15.97 -1.39 4.49
CA ALA A 477 15.74 -0.18 5.26
C ALA A 477 14.28 0.06 5.58
N HIS A 478 14.02 0.80 6.66
CA HIS A 478 12.74 1.41 6.92
C HIS A 478 12.95 2.91 6.74
N SER A 479 12.08 3.58 5.99
CA SER A 479 12.32 4.98 5.64
C SER A 479 11.62 5.92 6.61
N ILE A 480 11.88 7.22 6.46
CA ILE A 480 11.09 8.26 7.10
C ILE A 480 10.07 8.80 6.09
N ASN A 481 8.80 8.96 6.51
CA ASN A 481 7.79 9.60 5.65
C ASN A 481 7.82 11.11 5.86
N PHE A 482 7.97 11.88 4.78
CA PHE A 482 7.89 13.35 4.90
C PHE A 482 6.67 13.93 4.21
N ALA A 483 6.06 14.94 4.83
CA ALA A 483 4.98 15.68 4.20
C ALA A 483 5.25 17.16 4.40
N PRO A 484 5.95 17.78 3.45
CA PRO A 484 6.23 19.21 3.54
C PRO A 484 5.01 20.01 3.08
N THR A 485 4.55 20.95 3.90
CA THR A 485 3.35 21.70 3.59
C THR A 485 3.62 23.20 3.71
N SER A 486 2.72 23.98 3.11
CA SER A 486 2.80 25.43 3.23
C SER A 486 2.30 25.85 4.61
N LYS A 487 2.57 27.09 4.99
CA LYS A 487 2.27 27.57 6.32
C LYS A 487 0.77 27.74 6.56
N ARG A 488 -0.01 27.86 5.50
CA ARG A 488 -1.44 28.10 5.67
C ARG A 488 -2.22 26.81 5.93
N VAL A 489 -1.59 25.64 5.73
CA VAL A 489 -2.27 24.38 6.03
C VAL A 489 -2.44 24.23 7.54
N GLN A 490 -3.66 23.90 7.97
CA GLN A 490 -3.93 23.73 9.40
C GLN A 490 -4.56 22.38 9.70
N ASP A 491 -4.17 21.81 10.85
CA ASP A 491 -4.76 20.56 11.34
C ASP A 491 -4.47 19.36 10.45
N TYR A 492 -3.46 19.44 9.60
CA TYR A 492 -3.10 18.29 8.76
C TYR A 492 -2.42 17.19 9.60
N LYS A 493 -2.73 15.94 9.28
CA LYS A 493 -2.09 14.80 9.94
C LYS A 493 -1.61 13.80 8.90
N GLN A 494 -0.37 13.34 9.04
CA GLN A 494 0.12 12.22 8.24
C GLN A 494 -0.67 10.97 8.62
N SER A 495 -0.94 10.14 7.62
CA SER A 495 -1.49 8.80 7.82
C SER A 495 -0.38 7.85 8.24
N PRO A 496 -0.67 6.93 9.17
CA PRO A 496 0.35 5.94 9.54
C PRO A 496 0.79 5.09 8.36
N PHE A 497 -0.06 4.96 7.34
CA PHE A 497 0.24 4.13 6.18
C PHE A 497 0.85 4.92 5.03
N GLY A 498 0.91 6.24 5.16
CA GLY A 498 1.57 7.08 4.15
C GLY A 498 0.62 7.91 3.28
N TYR A 499 -0.67 7.61 3.35
CA TYR A 499 -1.67 8.23 2.46
C TYR A 499 -1.84 9.73 2.72
N THR A 500 -2.32 10.42 1.70
CA THR A 500 -2.71 11.83 1.83
C THR A 500 -4.23 11.87 2.02
N TYR A 501 -4.65 12.12 3.26
CA TYR A 501 -6.07 12.17 3.58
C TYR A 501 -6.37 13.58 4.08
N LEU A 502 -7.25 14.29 3.38
CA LEU A 502 -7.39 15.73 3.53
C LEU A 502 -8.70 16.20 4.17
N TYR A 503 -9.64 15.28 4.39
CA TYR A 503 -10.85 15.64 5.13
C TYR A 503 -10.45 15.97 6.57
N GLY A 504 -10.86 17.14 7.07
CA GLY A 504 -10.47 17.55 8.41
C GLY A 504 -9.28 18.51 8.41
N THR A 505 -8.63 18.67 7.26
CA THR A 505 -7.58 19.67 7.13
C THR A 505 -8.23 21.00 6.75
N LYS A 506 -7.62 22.11 7.14
CA LYS A 506 -8.19 23.43 6.86
C LYS A 506 -7.14 24.33 6.23
N LEU A 507 -7.57 25.48 5.72
CA LEU A 507 -6.67 26.47 5.15
C LEU A 507 -6.91 27.81 5.82
N ALA A 508 -5.85 28.39 6.37
CA ALA A 508 -5.91 29.69 7.03
C ALA A 508 -5.84 30.82 5.99
N ASP A 509 -6.01 32.05 6.46
CA ASP A 509 -5.87 33.22 5.61
C ASP A 509 -4.51 33.88 5.80
N1 GDS B . 3.75 12.14 1.95
CA1 GDS B . 3.96 10.81 2.41
C1 GDS B . 3.59 10.79 3.85
OE1 GDS B . 3.47 11.89 4.46
OE2 GDS B . 3.67 9.74 4.52
CB1 GDS B . 5.38 10.45 2.20
CG1 GDS B . 5.60 10.22 0.73
CD1 GDS B . 5.01 8.82 0.31
O1 GDS B . 5.58 7.79 0.70
N2 GDS B . 4.00 8.77 -0.72
CA2 GDS B . 3.31 7.54 -1.03
C2 GDS B . 3.43 7.32 -2.48
O2 GDS B . 3.24 8.26 -3.26
CB2 GDS B . 1.84 7.78 -0.62
SG2 GDS B . 0.81 6.35 -0.75
N3 GDS B . 3.80 6.07 -3.00
CA3 GDS B . 3.71 5.91 -4.43
C3 GDS B . 3.27 4.51 -4.77
OE3 GDS B . 2.67 3.83 -3.89
OE4 GDS B . 3.46 4.05 -5.93
N4 GDS B . 4.16 1.55 -0.69
CA4 GDS B . 5.37 1.04 -1.29
C4 GDS B . 6.59 1.24 -0.43
OE5 GDS B . 7.73 1.20 -0.97
OE6 GDS B . 6.50 1.50 0.81
C5 GDS B . 3.74 2.91 -0.89
O5 GDS B . 4.58 3.75 -1.28
CA5 GDS B . 2.37 3.37 -0.46
N5 GDS B . 1.53 2.25 -0.12
CB5 GDS B . 2.44 4.30 0.77
SG5 GDS B . 0.94 5.19 0.93
CA6 GDS B . 0.89 -1.88 -0.97
C6 GDS B . 2.28 -1.42 -1.26
OE7 GDS B . 3.02 -0.98 -0.34
OE8 GDS B . 2.74 -1.52 -2.43
N6 GDS B . 0.76 -2.19 0.46
CB6 GDS B . -0.18 -0.89 -1.43
CG6 GDS B . -0.16 0.40 -0.62
CD6 GDS B . 0.90 1.38 -1.11
O6 GDS B . 1.11 1.56 -2.33
HN11 GDS B . 3.08 12.15 1.32
HN12 GDS B . 3.49 12.67 2.64
HA1 GDS B . 3.37 10.16 1.92
HB11 GDS B . 5.59 9.66 2.70
HB12 GDS B . 5.94 11.17 2.50
HG11 GDS B . 6.56 10.22 0.56
HG12 GDS B . 5.19 10.93 0.23
HN2 GDS B . 3.57 9.52 -0.91
HA2 GDS B . 3.68 6.75 -0.53
HB21 GDS B . 1.48 8.44 -1.20
HB22 GDS B . 1.81 8.13 0.30
HN3 GDS B . 3.76 5.33 -2.47
HA31 GDS B . 3.05 6.53 -4.76
HA32 GDS B . 4.57 6.10 -4.85
HA41 GDS B . 5.51 1.47 -2.15
HA42 GDS B . 5.26 0.08 -1.44
HA5 GDS B . 1.98 3.87 -1.20
HN5 GDS B . 1.34 2.13 0.75
HB51 GDS B . 3.19 4.94 0.64
HB52 GDS B . 2.60 3.77 1.57
HA6 GDS B . 0.79 -2.74 -1.45
HN61 GDS B . 0.60 -3.08 0.56
HN62 GDS B . 1.52 -1.98 0.89
HB61 GDS B . -0.02 -0.67 -2.39
HB62 GDS B . -1.08 -1.32 -1.34
C1 MLI C . 19.65 -1.22 -18.15
C2 MLI C . 18.58 -2.13 -18.66
C3 MLI C . 19.35 -0.68 -16.79
O6 MLI C . 18.88 -2.97 -19.55
O7 MLI C . 17.39 -2.07 -18.23
O8 MLI C . 18.18 -0.65 -16.34
O9 MLI C . 20.29 -0.22 -16.10
H11 MLI C . 20.60 -1.73 -18.15
H12 MLI C . 19.71 -0.38 -18.82
C1 MLI D . 1.50 -5.73 -6.60
C2 MLI D . 0.34 -6.26 -7.38
C3 MLI D . 1.65 -6.47 -5.30
O6 MLI D . 0.08 -7.49 -7.34
O7 MLI D . -0.34 -5.50 -8.11
O8 MLI D . 1.35 -7.69 -5.25
O9 MLI D . 2.08 -5.89 -4.27
H11 MLI D . 2.40 -5.89 -7.18
H12 MLI D . 1.39 -4.66 -6.41
C1 MLI E . 5.43 11.41 -14.44
C2 MLI E . 5.21 12.44 -15.52
C3 MLI E . 4.40 10.33 -14.56
O6 MLI E . 4.05 12.88 -15.75
O7 MLI E . 6.19 12.86 -16.18
O8 MLI E . 4.72 9.12 -14.57
O9 MLI E . 3.19 10.64 -14.64
H11 MLI E . 6.42 11.00 -14.51
H12 MLI E . 5.30 11.89 -13.49
#